data_3HZH
#
_entry.id   3HZH
#
_cell.length_a   63.705
_cell.length_b   63.705
_cell.length_c   175.685
_cell.angle_alpha   90.00
_cell.angle_beta   90.00
_cell.angle_gamma   120.00
#
_symmetry.space_group_name_H-M   'P 32 2 1'
#
loop_
_entity.id
_entity.type
_entity.pdbx_description
1 polymer 'Chemotaxis response regulator (CheY-3)'
2 polymer 'Chemotaxis operon protein (CheX)'
3 non-polymer 'MAGNESIUM ION'
4 water water
#
loop_
_entity_poly.entity_id
_entity_poly.type
_entity_poly.pdbx_seq_one_letter_code
_entity_poly.pdbx_strand_id
1 'polypeptide(L)'
;MRGSHHHHHHGSIQKTTIAADSSSKPRGINYDTGIPFNVLIVDDSVFTVKQLTQIFTSEGFNIIDTAADGEEAVIKYKNH
YPNIDIVTL(BFD)ITMPKMDGITCLSNIMEFDKNARVIMISALGKEQLVKDCLIKGAKTFIVKPLDRAKVLQRVMSVFV
K
;
A
2 'polypeptide(L)'
;(MSE)RGSHHHHHHGSRIDYIEPFLDAASSVLRD(MSE)LLVENIE(MSE)GKPGLKSINQKIKGVSVIVGLAGSVEGSI
IID(MSE)DIETALFVASKLNFEEYDDFDDEETKE(MSE)VAATLTEVGNIIAGNFVTTLHAKGFVFDITPPAFIYGEN
(MSE)KISNKGSEALIVPFSLPDGKIIEVNIAIRERV
;
B
#
# COMPACT_ATOMS: atom_id res chain seq x y z
N SER A 24 -24.66 -17.65 8.49
CA SER A 24 -24.71 -16.17 8.58
C SER A 24 -24.64 -15.50 7.19
N LYS A 25 -25.75 -14.87 6.80
CA LYS A 25 -25.91 -14.18 5.52
C LYS A 25 -24.63 -13.55 5.00
N PRO A 26 -23.92 -14.25 4.09
CA PRO A 26 -22.69 -13.62 3.61
C PRO A 26 -23.07 -12.25 3.06
N ARG A 27 -22.31 -11.23 3.45
CA ARG A 27 -22.61 -9.86 3.06
C ARG A 27 -22.45 -9.55 1.56
N GLY A 28 -21.64 -10.34 0.87
CA GLY A 28 -21.43 -10.09 -0.55
C GLY A 28 -22.59 -10.43 -1.46
N ILE A 29 -23.65 -10.99 -0.90
CA ILE A 29 -24.80 -11.35 -1.71
C ILE A 29 -25.89 -10.30 -1.67
N ASN A 30 -26.41 -9.97 -2.84
CA ASN A 30 -27.51 -9.01 -2.95
C ASN A 30 -28.74 -9.85 -2.68
N TYR A 31 -29.33 -9.68 -1.51
CA TYR A 31 -30.49 -10.48 -1.14
C TYR A 31 -31.81 -10.15 -1.82
N ASP A 32 -31.75 -9.36 -2.89
CA ASP A 32 -32.95 -9.05 -3.66
C ASP A 32 -32.95 -9.92 -4.91
N THR A 33 -31.84 -10.62 -5.14
CA THR A 33 -31.70 -11.47 -6.33
C THR A 33 -30.91 -12.74 -6.05
N GLY A 34 -30.11 -12.71 -4.99
CA GLY A 34 -29.30 -13.87 -4.66
C GLY A 34 -28.02 -13.87 -5.46
N ILE A 35 -27.81 -12.80 -6.22
CA ILE A 35 -26.61 -12.64 -7.05
C ILE A 35 -25.55 -11.84 -6.29
N PRO A 36 -24.29 -12.26 -6.34
CA PRO A 36 -23.22 -11.56 -5.64
C PRO A 36 -23.02 -10.12 -6.14
N PHE A 37 -22.62 -9.22 -5.24
CA PHE A 37 -22.34 -7.83 -5.62
C PHE A 37 -21.01 -7.86 -6.39
N ASN A 38 -20.86 -6.97 -7.36
CA ASN A 38 -19.62 -6.90 -8.15
C ASN A 38 -18.63 -5.87 -7.61
N VAL A 39 -17.39 -6.29 -7.42
CA VAL A 39 -16.36 -5.40 -6.90
C VAL A 39 -15.22 -5.20 -7.90
N LEU A 40 -14.78 -3.94 -8.04
CA LEU A 40 -13.67 -3.60 -8.93
C LEU A 40 -12.51 -3.20 -8.00
N ILE A 41 -11.43 -3.98 -8.01
CA ILE A 41 -10.29 -3.69 -7.15
C ILE A 41 -9.18 -2.98 -7.91
N VAL A 42 -8.74 -1.83 -7.40
CA VAL A 42 -7.69 -1.05 -8.04
C VAL A 42 -6.50 -0.74 -7.12
N ASP A 43 -5.35 -1.33 -7.42
CA ASP A 43 -4.14 -1.10 -6.63
C ASP A 43 -2.95 -1.55 -7.49
N ASP A 44 -1.84 -0.82 -7.42
CA ASP A 44 -0.68 -1.19 -8.22
C ASP A 44 0.15 -2.36 -7.67
N SER A 45 -0.29 -2.92 -6.54
CA SER A 45 0.40 -4.06 -5.96
C SER A 45 -0.42 -5.34 -6.07
N VAL A 46 0.11 -6.35 -6.76
CA VAL A 46 -0.59 -7.61 -6.91
C VAL A 46 -0.78 -8.27 -5.55
N PHE A 47 0.07 -7.90 -4.59
CA PHE A 47 -0.05 -8.44 -3.24
C PHE A 47 -1.36 -7.94 -2.64
N THR A 48 -1.57 -6.63 -2.72
CA THR A 48 -2.76 -6.01 -2.18
C THR A 48 -4.00 -6.44 -2.95
N VAL A 49 -3.88 -6.60 -4.26
CA VAL A 49 -5.02 -7.03 -5.05
C VAL A 49 -5.44 -8.41 -4.55
N LYS A 50 -4.47 -9.26 -4.26
CA LYS A 50 -4.77 -10.60 -3.77
C LYS A 50 -5.41 -10.58 -2.37
N GLN A 51 -4.93 -9.69 -1.49
CA GLN A 51 -5.47 -9.62 -0.14
C GLN A 51 -6.94 -9.21 -0.19
N LEU A 52 -7.22 -8.15 -0.93
CA LEU A 52 -8.57 -7.64 -1.10
C LEU A 52 -9.46 -8.70 -1.77
N THR A 53 -8.89 -9.42 -2.75
CA THR A 53 -9.65 -10.46 -3.43
C THR A 53 -10.13 -11.53 -2.43
N GLN A 54 -9.23 -11.99 -1.57
CA GLN A 54 -9.56 -12.99 -0.55
C GLN A 54 -10.64 -12.46 0.39
N ILE A 55 -10.43 -11.25 0.87
CA ILE A 55 -11.38 -10.61 1.78
C ILE A 55 -12.79 -10.54 1.21
N PHE A 56 -12.92 -10.08 -0.03
CA PHE A 56 -14.24 -9.98 -0.65
C PHE A 56 -14.89 -11.30 -1.02
N THR A 57 -14.13 -12.18 -1.67
CA THR A 57 -14.69 -13.46 -2.09
C THR A 57 -15.09 -14.32 -0.89
N SER A 58 -14.32 -14.28 0.20
CA SER A 58 -14.64 -15.08 1.39
C SER A 58 -15.98 -14.62 1.97
N GLU A 59 -16.38 -13.39 1.65
CA GLU A 59 -17.63 -12.85 2.15
C GLU A 59 -18.77 -12.95 1.12
N GLY A 60 -18.51 -13.60 -0.01
CA GLY A 60 -19.55 -13.75 -1.00
C GLY A 60 -19.57 -12.81 -2.19
N PHE A 61 -18.67 -11.83 -2.22
CA PHE A 61 -18.62 -10.91 -3.36
C PHE A 61 -17.98 -11.56 -4.58
N ASN A 62 -18.20 -10.93 -5.73
CA ASN A 62 -17.62 -11.38 -6.98
C ASN A 62 -16.66 -10.27 -7.42
N ILE A 63 -15.42 -10.61 -7.72
CA ILE A 63 -14.48 -9.61 -8.19
C ILE A 63 -14.70 -9.54 -9.68
N ILE A 64 -15.44 -8.54 -10.13
CA ILE A 64 -15.74 -8.43 -11.55
C ILE A 64 -14.48 -8.12 -12.38
N ASP A 65 -13.53 -7.37 -11.82
CA ASP A 65 -12.29 -7.07 -12.54
C ASP A 65 -11.34 -6.37 -11.58
N THR A 66 -10.08 -6.25 -11.99
CA THR A 66 -9.06 -5.55 -11.19
C THR A 66 -8.18 -4.74 -12.14
N ALA A 67 -7.58 -3.67 -11.62
CA ALA A 67 -6.72 -2.79 -12.40
C ALA A 67 -5.48 -2.43 -11.59
N ALA A 68 -4.34 -2.34 -12.26
CA ALA A 68 -3.08 -2.04 -11.60
C ALA A 68 -2.69 -0.56 -11.61
N ASP A 69 -3.48 0.27 -12.26
CA ASP A 69 -3.23 1.72 -12.29
C ASP A 69 -4.52 2.46 -12.63
N GLY A 70 -4.50 3.78 -12.45
CA GLY A 70 -5.67 4.60 -12.71
C GLY A 70 -6.19 4.61 -14.13
N GLU A 71 -5.32 4.46 -15.12
CA GLU A 71 -5.78 4.45 -16.51
C GLU A 71 -6.58 3.18 -16.78
N GLU A 72 -6.00 2.04 -16.40
CA GLU A 72 -6.66 0.76 -16.60
C GLU A 72 -7.99 0.72 -15.83
N ALA A 73 -8.02 1.35 -14.67
CA ALA A 73 -9.23 1.38 -13.85
C ALA A 73 -10.38 2.08 -14.58
N VAL A 74 -10.08 3.26 -15.13
CA VAL A 74 -11.08 4.03 -15.87
C VAL A 74 -11.66 3.21 -17.03
N ILE A 75 -10.78 2.59 -17.81
CA ILE A 75 -11.19 1.78 -18.95
C ILE A 75 -12.11 0.65 -18.52
N LYS A 76 -11.68 -0.10 -17.51
CA LYS A 76 -12.45 -1.22 -17.00
C LYS A 76 -13.74 -0.81 -16.31
N TYR A 77 -13.75 0.35 -15.67
CA TYR A 77 -14.96 0.79 -15.01
C TYR A 77 -16.02 1.07 -16.07
N LYS A 78 -15.61 1.77 -17.13
CA LYS A 78 -16.55 2.08 -18.21
C LYS A 78 -17.00 0.82 -18.92
N ASN A 79 -16.10 -0.14 -19.05
CA ASN A 79 -16.40 -1.40 -19.72
C ASN A 79 -17.51 -2.18 -19.02
N HIS A 80 -17.50 -2.18 -17.69
CA HIS A 80 -18.49 -2.91 -16.90
C HIS A 80 -19.59 -2.03 -16.32
N TYR A 81 -19.33 -0.72 -16.29
CA TYR A 81 -20.22 0.31 -15.75
C TYR A 81 -21.55 0.07 -15.06
N PRO A 82 -22.56 -0.46 -15.77
CA PRO A 82 -23.77 -0.61 -14.97
C PRO A 82 -23.64 -1.66 -13.88
N ASN A 83 -22.80 -2.65 -14.12
CA ASN A 83 -22.64 -3.78 -13.22
C ASN A 83 -21.70 -3.69 -12.02
N ILE A 84 -20.90 -2.63 -11.91
CA ILE A 84 -19.98 -2.49 -10.77
C ILE A 84 -20.72 -1.90 -9.59
N ASP A 85 -20.77 -2.65 -8.50
CA ASP A 85 -21.46 -2.18 -7.30
C ASP A 85 -20.55 -1.42 -6.36
N ILE A 86 -19.26 -1.73 -6.38
CA ILE A 86 -18.36 -1.02 -5.51
C ILE A 86 -16.93 -1.07 -6.05
N VAL A 87 -16.20 0.02 -5.84
CA VAL A 87 -14.82 0.13 -6.28
C VAL A 87 -13.91 0.45 -5.10
N THR A 88 -12.82 -0.29 -4.95
CA THR A 88 -11.87 -0.01 -3.88
C THR A 88 -10.72 0.60 -4.66
N LEU A 89 -10.24 1.75 -4.20
CA LEU A 89 -9.22 2.46 -4.94
C LEU A 89 -7.99 2.93 -4.19
N ILE A 91 -4.29 4.95 -3.97
CA ILE A 91 -3.92 6.29 -4.40
C ILE A 91 -2.61 6.35 -5.15
N THR A 92 -1.53 5.94 -4.51
CA THR A 92 -0.22 6.00 -5.14
C THR A 92 -0.10 4.92 -6.20
N MET A 93 -0.06 5.34 -7.46
CA MET A 93 0.02 4.39 -8.55
C MET A 93 0.66 5.02 -9.78
N PRO A 94 1.34 4.21 -10.61
CA PRO A 94 1.98 4.68 -11.83
C PRO A 94 0.88 5.10 -12.80
N LYS A 95 1.27 5.79 -13.86
CA LYS A 95 0.39 6.25 -14.93
C LYS A 95 -0.77 7.15 -14.47
N MET A 96 -1.51 6.70 -13.46
CA MET A 96 -2.62 7.49 -12.97
C MET A 96 -2.84 7.20 -11.49
N ASP A 97 -2.76 8.23 -10.65
CA ASP A 97 -2.96 8.06 -9.22
C ASP A 97 -4.45 7.98 -8.91
N GLY A 98 -4.78 7.48 -7.72
CA GLY A 98 -6.18 7.32 -7.32
C GLY A 98 -7.03 8.57 -7.15
N ILE A 99 -6.42 9.71 -6.88
CA ILE A 99 -7.20 10.92 -6.71
C ILE A 99 -7.71 11.36 -8.09
N THR A 100 -6.83 11.33 -9.08
CA THR A 100 -7.18 11.70 -10.45
C THR A 100 -8.19 10.67 -10.98
N CYS A 101 -7.96 9.41 -10.64
CA CYS A 101 -8.84 8.32 -11.08
C CYS A 101 -10.25 8.52 -10.52
N LEU A 102 -10.32 8.86 -9.24
CA LEU A 102 -11.59 9.09 -8.54
C LEU A 102 -12.44 10.14 -9.26
N SER A 103 -11.82 11.28 -9.56
CA SER A 103 -12.52 12.36 -10.26
C SER A 103 -13.01 11.92 -11.63
N ASN A 104 -12.21 11.11 -12.31
CA ASN A 104 -12.53 10.62 -13.65
C ASN A 104 -13.73 9.67 -13.59
N ILE A 105 -13.71 8.75 -12.63
CA ILE A 105 -14.83 7.81 -12.50
C ILE A 105 -16.10 8.56 -12.08
N MET A 106 -15.97 9.49 -11.14
CA MET A 106 -17.15 10.24 -10.68
C MET A 106 -17.69 11.12 -11.81
N GLU A 107 -16.80 11.61 -12.67
CA GLU A 107 -17.22 12.44 -13.80
C GLU A 107 -18.04 11.58 -14.76
N PHE A 108 -17.55 10.36 -15.03
CA PHE A 108 -18.24 9.43 -15.92
C PHE A 108 -19.56 8.93 -15.34
N ASP A 109 -19.55 8.59 -14.06
CA ASP A 109 -20.73 8.07 -13.38
C ASP A 109 -20.92 8.66 -12.00
N LYS A 110 -21.85 9.60 -11.88
CA LYS A 110 -22.14 10.27 -10.62
C LYS A 110 -22.64 9.34 -9.52
N ASN A 111 -23.09 8.16 -9.88
CA ASN A 111 -23.60 7.20 -8.90
C ASN A 111 -22.59 6.16 -8.45
N ALA A 112 -21.38 6.24 -8.97
CA ALA A 112 -20.32 5.29 -8.60
C ALA A 112 -20.07 5.27 -7.10
N ARG A 113 -19.74 4.10 -6.57
CA ARG A 113 -19.45 3.98 -5.13
C ARG A 113 -18.00 3.56 -5.00
N VAL A 114 -17.16 4.50 -4.57
CA VAL A 114 -15.75 4.24 -4.44
C VAL A 114 -15.29 4.40 -3.00
N ILE A 115 -14.47 3.45 -2.58
CA ILE A 115 -13.89 3.48 -1.25
C ILE A 115 -12.41 3.61 -1.46
N MET A 116 -11.78 4.59 -0.84
CA MET A 116 -10.35 4.75 -0.99
C MET A 116 -9.68 3.83 0.01
N ILE A 117 -8.63 3.13 -0.43
CA ILE A 117 -7.88 2.23 0.44
C ILE A 117 -6.42 2.56 0.14
N SER A 118 -5.79 3.33 1.01
CA SER A 118 -4.42 3.77 0.78
C SER A 118 -3.51 3.88 2.00
N ALA A 119 -2.20 3.90 1.73
CA ALA A 119 -1.18 4.03 2.78
C ALA A 119 -1.14 5.49 3.24
N LEU A 120 -1.73 6.37 2.45
CA LEU A 120 -1.77 7.80 2.76
C LEU A 120 -3.03 8.11 3.55
N GLY A 121 -2.87 8.76 4.70
CA GLY A 121 -4.04 9.07 5.51
C GLY A 121 -4.18 10.46 6.08
N LYS A 122 -3.44 11.45 5.57
CA LYS A 122 -3.56 12.80 6.08
C LYS A 122 -5.06 13.08 6.10
N GLU A 123 -5.54 13.62 7.20
CA GLU A 123 -6.96 13.87 7.36
C GLU A 123 -7.62 14.79 6.33
N GLN A 124 -6.88 15.74 5.80
CA GLN A 124 -7.47 16.64 4.80
C GLN A 124 -7.59 15.90 3.47
N LEU A 125 -6.64 15.00 3.19
CA LEU A 125 -6.68 14.22 1.96
C LEU A 125 -7.98 13.42 1.98
N VAL A 126 -8.32 12.88 3.15
CA VAL A 126 -9.54 12.11 3.33
C VAL A 126 -10.77 12.96 2.99
N LYS A 127 -10.80 14.17 3.52
CA LYS A 127 -11.91 15.07 3.26
C LYS A 127 -11.97 15.44 1.78
N ASP A 128 -10.80 15.65 1.17
CA ASP A 128 -10.76 16.01 -0.25
C ASP A 128 -11.29 14.89 -1.16
N CYS A 129 -11.03 13.64 -0.78
CA CYS A 129 -11.53 12.51 -1.56
C CYS A 129 -13.04 12.42 -1.40
N LEU A 130 -13.53 12.64 -0.18
CA LEU A 130 -14.96 12.58 0.05
C LEU A 130 -15.64 13.71 -0.72
N ILE A 131 -15.00 14.88 -0.75
CA ILE A 131 -15.55 16.02 -1.47
C ILE A 131 -15.62 15.68 -2.95
N LYS A 132 -14.59 15.01 -3.46
CA LYS A 132 -14.57 14.63 -4.86
C LYS A 132 -15.52 13.47 -5.17
N GLY A 133 -16.14 12.89 -4.16
CA GLY A 133 -17.08 11.82 -4.43
C GLY A 133 -16.91 10.45 -3.78
N ALA A 134 -15.76 10.17 -3.16
CA ALA A 134 -15.57 8.87 -2.54
C ALA A 134 -16.51 8.71 -1.35
N LYS A 135 -17.02 7.50 -1.14
CA LYS A 135 -17.95 7.22 -0.06
C LYS A 135 -17.30 7.15 1.32
N THR A 136 -16.14 6.50 1.41
CA THR A 136 -15.41 6.39 2.67
C THR A 136 -13.95 6.14 2.36
N PHE A 137 -13.14 6.01 3.41
CA PHE A 137 -11.70 5.86 3.25
C PHE A 137 -11.16 4.80 4.22
N ILE A 138 -10.16 4.03 3.78
CA ILE A 138 -9.57 3.01 4.64
C ILE A 138 -8.05 3.19 4.59
N VAL A 139 -7.41 3.24 5.75
CA VAL A 139 -5.97 3.43 5.83
C VAL A 139 -5.27 2.08 6.03
N LYS A 140 -4.21 1.83 5.26
CA LYS A 140 -3.47 0.57 5.38
C LYS A 140 -2.54 0.66 6.60
N PRO A 141 -2.04 -0.50 7.12
CA PRO A 141 -2.26 -1.90 6.77
C PRO A 141 -3.66 -2.46 7.00
N LEU A 142 -4.07 -3.35 6.11
CA LEU A 142 -5.39 -3.98 6.10
C LEU A 142 -5.62 -5.20 6.99
N ASP A 143 -6.90 -5.37 7.35
CA ASP A 143 -7.39 -6.49 8.12
C ASP A 143 -8.80 -6.71 7.55
N ARG A 144 -9.16 -7.97 7.37
CA ARG A 144 -10.46 -8.35 6.81
C ARG A 144 -11.64 -7.63 7.49
N ALA A 145 -11.71 -7.73 8.80
CA ALA A 145 -12.79 -7.15 9.59
C ALA A 145 -13.08 -5.68 9.29
N LYS A 146 -12.06 -4.83 9.40
CA LYS A 146 -12.21 -3.41 9.13
C LYS A 146 -12.71 -3.13 7.72
N VAL A 147 -12.04 -3.72 6.73
CA VAL A 147 -12.43 -3.52 5.35
C VAL A 147 -13.90 -3.84 5.16
N LEU A 148 -14.30 -4.99 5.68
CA LEU A 148 -15.69 -5.41 5.57
C LEU A 148 -16.67 -4.48 6.24
N GLN A 149 -16.33 -3.98 7.41
CA GLN A 149 -17.25 -3.09 8.10
C GLN A 149 -17.42 -1.79 7.30
N ARG A 150 -16.33 -1.30 6.71
CA ARG A 150 -16.38 -0.07 5.91
C ARG A 150 -17.14 -0.29 4.62
N VAL A 151 -16.87 -1.41 3.97
CA VAL A 151 -17.54 -1.74 2.71
C VAL A 151 -19.05 -1.79 2.83
N MET A 152 -19.58 -2.30 3.94
CA MET A 152 -21.01 -2.41 4.11
C MET A 152 -21.72 -1.13 4.57
N SER A 153 -20.97 -0.18 5.11
CA SER A 153 -21.58 1.06 5.53
C SER A 153 -22.05 1.85 4.29
N VAL A 154 -21.43 1.60 3.14
CA VAL A 154 -21.82 2.29 1.88
C VAL A 154 -22.96 1.53 1.24
N PHE A 155 -23.62 0.74 2.08
CA PHE A 155 -24.73 -0.09 1.68
C PHE A 155 -26.06 0.16 2.37
N VAL A 156 -26.21 1.33 2.99
CA VAL A 156 -27.46 1.65 3.67
C VAL A 156 -28.44 2.29 2.68
N LYS A 157 -29.71 2.34 3.04
CA LYS A 157 -30.73 2.90 2.16
C LYS A 157 -31.42 4.15 2.70
N ARG B 13 12.87 23.54 11.41
CA ARG B 13 13.21 22.37 10.55
C ARG B 13 12.24 21.20 10.68
N ILE B 14 11.98 20.55 9.55
CA ILE B 14 11.08 19.40 9.52
C ILE B 14 11.70 18.29 10.36
N ASP B 15 11.09 18.01 11.51
CA ASP B 15 11.58 16.98 12.41
C ASP B 15 10.99 15.65 11.96
N TYR B 16 11.79 14.86 11.25
CA TYR B 16 11.32 13.58 10.71
C TYR B 16 11.89 12.33 11.36
N ILE B 17 12.96 12.48 12.12
CA ILE B 17 13.59 11.32 12.76
C ILE B 17 12.63 10.46 13.58
N GLU B 18 11.91 11.07 14.52
CA GLU B 18 10.99 10.30 15.34
C GLU B 18 9.83 9.74 14.51
N PRO B 19 9.22 10.58 13.64
CA PRO B 19 8.12 10.10 12.81
C PRO B 19 8.57 8.89 11.99
N PHE B 20 9.78 8.97 11.44
CA PHE B 20 10.33 7.87 10.65
C PHE B 20 10.49 6.58 11.45
N LEU B 21 11.15 6.67 12.61
CA LEU B 21 11.35 5.49 13.45
C LEU B 21 10.01 4.90 13.86
N ASP B 22 9.04 5.75 14.22
CA ASP B 22 7.72 5.27 14.61
C ASP B 22 7.01 4.57 13.45
N ALA B 23 7.09 5.16 12.26
CA ALA B 23 6.42 4.57 11.10
C ALA B 23 7.04 3.23 10.70
N ALA B 24 8.37 3.17 10.63
CA ALA B 24 9.04 1.94 10.24
C ALA B 24 8.76 0.79 11.20
N SER B 25 8.98 1.03 12.48
CA SER B 25 8.77 0.00 13.50
C SER B 25 7.30 -0.40 13.60
N SER B 26 6.43 0.60 13.60
CA SER B 26 4.99 0.40 13.70
C SER B 26 4.42 -0.45 12.57
N VAL B 27 4.80 -0.14 11.33
CA VAL B 27 4.31 -0.89 10.18
C VAL B 27 4.81 -2.34 10.13
N LEU B 28 6.11 -2.53 10.35
CA LEU B 28 6.67 -3.89 10.31
C LEU B 28 6.00 -4.78 11.37
N ARG B 29 5.84 -4.26 12.58
CA ARG B 29 5.20 -5.01 13.65
C ARG B 29 3.74 -5.34 13.35
N ASP B 30 3.08 -4.43 12.64
CA ASP B 30 1.68 -4.62 12.32
C ASP B 30 1.48 -5.56 11.13
N LEU B 32 4.15 -7.92 9.53
CA LEU B 32 4.78 -9.21 9.80
C LEU B 32 4.40 -9.54 11.22
N LEU B 33 3.64 -10.59 11.44
CA LEU B 33 3.32 -10.90 12.82
C LEU B 33 4.17 -12.05 13.31
N VAL B 34 5.38 -11.71 13.75
CA VAL B 34 6.32 -12.67 14.31
C VAL B 34 6.81 -11.99 15.56
N GLU B 35 6.65 -12.63 16.71
CA GLU B 35 7.08 -11.95 17.91
C GLU B 35 8.53 -11.57 18.02
N ASN B 36 8.67 -10.26 17.99
CA ASN B 36 9.92 -9.54 18.12
C ASN B 36 10.74 -9.14 16.91
N ILE B 37 10.38 -7.95 16.45
CA ILE B 37 11.04 -7.26 15.36
C ILE B 37 11.76 -6.29 16.27
N GLU B 38 13.06 -6.43 16.41
CA GLU B 38 13.83 -5.56 17.30
C GLU B 38 14.50 -4.42 16.58
N GLY B 40 17.32 -2.02 15.87
CA GLY B 40 18.74 -2.00 16.13
C GLY B 40 19.19 -0.58 16.43
N LYS B 41 20.49 -0.37 16.40
CA LYS B 41 21.06 0.94 16.67
C LYS B 41 21.07 1.82 15.42
N PRO B 42 20.29 2.92 15.43
CA PRO B 42 20.26 3.81 14.27
C PRO B 42 21.67 4.35 14.06
N GLY B 43 22.14 4.36 12.83
CA GLY B 43 23.49 4.84 12.58
C GLY B 43 23.63 5.55 11.26
N LEU B 44 24.58 6.48 11.18
CA LEU B 44 24.77 7.21 9.95
C LEU B 44 25.24 6.24 8.89
N LYS B 45 25.84 5.13 9.31
CA LYS B 45 26.28 4.20 8.30
C LYS B 45 26.00 2.71 8.36
N SER B 46 25.69 2.36 7.14
CA SER B 46 25.28 1.16 6.47
C SER B 46 25.29 -0.34 6.64
N ILE B 47 24.50 -0.77 5.65
CA ILE B 47 24.07 -2.07 5.21
C ILE B 47 25.24 -3.00 4.89
N LYS B 52 24.62 -7.23 -2.68
CA LYS B 52 23.46 -7.89 -3.27
C LYS B 52 22.27 -8.08 -2.30
N GLY B 53 21.18 -8.60 -2.83
CA GLY B 53 19.99 -8.79 -2.04
C GLY B 53 18.98 -7.98 -2.80
N VAL B 54 17.92 -7.52 -2.13
CA VAL B 54 16.93 -6.72 -2.82
C VAL B 54 16.80 -5.37 -2.13
N SER B 55 16.19 -4.43 -2.82
CA SER B 55 15.98 -3.11 -2.26
C SER B 55 14.71 -2.49 -2.80
N VAL B 56 13.95 -1.89 -1.89
CA VAL B 56 12.72 -1.23 -2.25
C VAL B 56 13.03 0.26 -2.12
N ILE B 57 12.60 1.04 -3.10
CA ILE B 57 12.83 2.48 -3.10
C ILE B 57 11.55 3.27 -3.25
N VAL B 58 11.30 4.17 -2.30
CA VAL B 58 10.15 5.03 -2.38
C VAL B 58 10.68 6.45 -2.29
N GLY B 59 10.48 7.21 -3.36
CA GLY B 59 10.94 8.58 -3.38
C GLY B 59 10.06 9.50 -2.56
N LEU B 60 10.69 10.51 -1.95
CA LEU B 60 9.98 11.50 -1.17
C LEU B 60 10.03 12.79 -2.01
N ALA B 61 8.87 13.36 -2.28
CA ALA B 61 8.79 14.56 -3.09
C ALA B 61 8.03 15.67 -2.41
N GLY B 62 7.97 16.82 -3.07
CA GLY B 62 7.29 17.96 -2.50
C GLY B 62 8.32 18.89 -1.91
N SER B 63 8.01 19.41 -0.72
CA SER B 63 8.92 20.34 -0.06
C SER B 63 10.25 19.70 0.33
N VAL B 64 10.20 18.43 0.72
CA VAL B 64 11.43 17.73 1.08
C VAL B 64 11.77 16.80 -0.06
N GLU B 65 13.06 16.61 -0.30
CA GLU B 65 13.49 15.71 -1.35
C GLU B 65 14.30 14.64 -0.65
N GLY B 66 14.06 13.40 -1.01
CA GLY B 66 14.79 12.32 -0.39
C GLY B 66 14.19 11.00 -0.80
N SER B 67 14.35 9.99 0.05
CA SER B 67 13.83 8.69 -0.25
C SER B 67 13.89 7.78 0.94
N ILE B 68 13.12 6.72 0.88
CA ILE B 68 13.05 5.69 1.90
C ILE B 68 13.46 4.44 1.15
N ILE B 69 14.49 3.77 1.65
CA ILE B 69 15.01 2.56 1.02
C ILE B 69 15.04 1.40 2.01
N ILE B 70 14.50 0.26 1.59
CA ILE B 70 14.47 -0.92 2.46
C ILE B 70 15.31 -2.01 1.80
N ASP B 71 16.29 -2.52 2.52
CA ASP B 71 17.13 -3.56 1.94
C ASP B 71 17.23 -4.78 2.85
N ASP B 73 18.56 -9.34 2.43
CA ASP B 73 19.10 -10.34 1.52
C ASP B 73 17.97 -11.20 0.97
N ILE B 74 18.28 -11.99 -0.04
CA ILE B 74 17.28 -12.84 -0.67
C ILE B 74 16.54 -13.75 0.32
N GLU B 75 17.28 -14.35 1.24
CA GLU B 75 16.67 -15.23 2.22
C GLU B 75 15.62 -14.49 3.04
N THR B 76 15.97 -13.28 3.48
CA THR B 76 15.06 -12.46 4.28
C THR B 76 13.86 -12.01 3.44
N ALA B 77 14.11 -11.70 2.17
CA ALA B 77 13.04 -11.27 1.28
C ALA B 77 11.98 -12.38 1.16
N LEU B 78 12.44 -13.62 0.99
CA LEU B 78 11.53 -14.75 0.87
C LEU B 78 10.80 -15.00 2.18
N PHE B 79 11.53 -14.91 3.29
CA PHE B 79 10.94 -15.11 4.62
C PHE B 79 9.80 -14.12 4.81
N VAL B 80 10.08 -12.83 4.60
CA VAL B 80 9.08 -11.78 4.75
C VAL B 80 7.89 -11.98 3.81
N ALA B 81 8.15 -12.22 2.53
CA ALA B 81 7.05 -12.43 1.59
C ALA B 81 6.22 -13.65 2.03
N SER B 82 6.90 -14.69 2.52
CA SER B 82 6.21 -15.90 2.99
C SER B 82 5.28 -15.62 4.14
N LYS B 83 5.75 -14.88 5.13
CA LYS B 83 4.94 -14.54 6.29
C LYS B 83 3.73 -13.68 5.92
N LEU B 84 3.94 -12.70 5.04
CA LEU B 84 2.86 -11.79 4.64
C LEU B 84 1.77 -12.38 3.74
N ASN B 85 2.13 -13.42 2.99
CA ASN B 85 1.18 -14.06 2.11
C ASN B 85 0.67 -15.36 2.72
N PHE B 86 1.17 -15.69 3.90
CA PHE B 86 0.81 -16.92 4.60
C PHE B 86 0.93 -18.16 3.70
N GLU B 87 2.08 -18.29 3.06
CA GLU B 87 2.38 -19.44 2.21
C GLU B 87 3.87 -19.39 1.92
N GLU B 88 4.45 -20.57 1.86
CA GLU B 88 5.89 -20.70 1.64
C GLU B 88 6.43 -20.37 0.25
N TYR B 89 7.42 -19.49 0.24
CA TYR B 89 8.13 -19.11 -0.98
C TYR B 89 9.58 -19.41 -0.65
N ASP B 90 10.21 -20.29 -1.42
CA ASP B 90 11.60 -20.66 -1.16
C ASP B 90 12.48 -20.64 -2.40
N ASP B 91 11.92 -20.15 -3.50
CA ASP B 91 12.67 -20.08 -4.75
C ASP B 91 12.41 -18.73 -5.40
N PHE B 92 13.24 -17.75 -5.02
CA PHE B 92 13.14 -16.37 -5.51
C PHE B 92 13.34 -16.27 -7.01
N ASP B 93 13.79 -17.38 -7.61
CA ASP B 93 14.03 -17.43 -9.04
C ASP B 93 12.92 -18.03 -9.86
N ASP B 94 11.86 -18.38 -9.15
CA ASP B 94 10.63 -18.91 -9.72
C ASP B 94 10.02 -17.59 -10.18
N GLU B 95 9.54 -17.61 -11.41
CA GLU B 95 8.95 -16.49 -12.13
C GLU B 95 7.70 -15.82 -11.65
N GLU B 96 7.05 -16.44 -10.67
CA GLU B 96 5.84 -15.89 -10.16
C GLU B 96 5.99 -15.70 -8.64
N THR B 97 6.98 -16.39 -8.05
CA THR B 97 7.27 -16.19 -6.63
C THR B 97 8.01 -14.86 -6.59
N LYS B 98 8.86 -14.65 -7.58
CA LYS B 98 9.64 -13.43 -7.71
C LYS B 98 8.69 -12.26 -7.88
N GLU B 99 7.61 -12.49 -8.63
CA GLU B 99 6.60 -11.47 -8.88
C GLU B 99 5.93 -11.07 -7.58
N VAL B 101 7.01 -11.70 -4.53
CA VAL B 101 8.02 -11.21 -3.58
C VAL B 101 8.20 -9.70 -3.77
N ALA B 102 8.45 -9.31 -5.01
CA ALA B 102 8.64 -7.90 -5.36
C ALA B 102 7.43 -7.07 -4.97
N ALA B 103 6.25 -7.50 -5.39
CA ALA B 103 5.00 -6.78 -5.11
C ALA B 103 4.70 -6.64 -3.63
N THR B 104 5.09 -7.65 -2.85
CA THR B 104 4.85 -7.63 -1.41
C THR B 104 5.80 -6.67 -0.71
N LEU B 105 7.10 -6.80 -0.99
CA LEU B 105 8.07 -5.92 -0.34
C LEU B 105 7.91 -4.45 -0.73
N THR B 106 7.59 -4.18 -2.00
CA THR B 106 7.39 -2.79 -2.41
C THR B 106 6.16 -2.21 -1.70
N GLU B 107 5.15 -3.05 -1.45
CA GLU B 107 3.96 -2.57 -0.76
C GLU B 107 4.29 -2.27 0.69
N VAL B 108 5.21 -3.04 1.27
CA VAL B 108 5.63 -2.77 2.65
C VAL B 108 6.28 -1.38 2.65
N GLY B 109 7.10 -1.12 1.64
CA GLY B 109 7.78 0.17 1.53
C GLY B 109 6.78 1.30 1.39
N ASN B 110 5.80 1.08 0.52
CA ASN B 110 4.73 2.04 0.27
C ASN B 110 3.97 2.37 1.55
N ILE B 111 3.71 1.36 2.37
CA ILE B 111 2.96 1.59 3.61
C ILE B 111 3.80 2.32 4.64
N ILE B 112 5.08 1.98 4.77
CA ILE B 112 5.95 2.67 5.71
C ILE B 112 6.03 4.13 5.30
N ALA B 113 6.36 4.36 4.02
CA ALA B 113 6.48 5.72 3.49
C ALA B 113 5.20 6.54 3.60
N GLY B 114 4.06 5.91 3.34
CA GLY B 114 2.79 6.61 3.40
C GLY B 114 2.45 7.00 4.83
N ASN B 115 2.58 6.07 5.76
CA ASN B 115 2.31 6.36 7.15
C ASN B 115 3.28 7.42 7.64
N PHE B 116 4.52 7.36 7.14
CA PHE B 116 5.53 8.34 7.52
C PHE B 116 5.12 9.76 7.09
N VAL B 117 4.91 9.97 5.80
CA VAL B 117 4.52 11.31 5.35
C VAL B 117 3.18 11.75 5.93
N THR B 118 2.35 10.80 6.34
CA THR B 118 1.05 11.14 6.91
C THR B 118 1.20 11.77 8.31
N THR B 119 2.15 11.26 9.09
CA THR B 119 2.37 11.80 10.43
C THR B 119 3.06 13.14 10.30
N LEU B 120 3.18 13.61 9.06
CA LEU B 120 3.80 14.88 8.83
C LEU B 120 2.84 16.06 8.75
N HIS B 121 1.52 15.85 8.82
CA HIS B 121 0.67 17.03 8.86
C HIS B 121 0.82 17.46 10.30
N ALA B 122 2.11 17.69 10.59
CA ALA B 122 2.65 18.12 11.86
C ALA B 122 3.49 19.31 11.39
N LYS B 123 3.50 19.49 10.08
CA LYS B 123 4.25 20.59 9.45
C LYS B 123 3.40 21.35 8.42
N GLY B 124 3.78 22.59 8.14
CA GLY B 124 3.05 23.41 7.21
C GLY B 124 3.45 23.27 5.74
N PHE B 125 3.92 22.08 5.39
CA PHE B 125 4.35 21.77 4.03
C PHE B 125 3.32 20.91 3.32
N VAL B 126 3.88 19.98 2.56
CA VAL B 126 3.16 18.95 1.82
C VAL B 126 4.28 17.94 1.65
N PHE B 127 3.98 16.67 1.87
CA PHE B 127 5.01 15.65 1.73
C PHE B 127 4.41 14.53 0.90
N ASP B 128 4.95 14.35 -0.30
CA ASP B 128 4.43 13.31 -1.20
C ASP B 128 5.40 12.15 -1.35
N ILE B 129 4.92 11.04 -1.89
CA ILE B 129 5.76 9.87 -2.14
C ILE B 129 5.53 9.40 -3.57
N THR B 130 6.43 8.59 -4.09
CA THR B 130 6.28 8.09 -5.45
C THR B 130 5.93 6.62 -5.46
N PRO B 131 5.55 6.08 -6.62
CA PRO B 131 5.23 4.66 -6.69
C PRO B 131 6.57 3.99 -6.36
N PRO B 132 6.54 2.78 -5.79
CA PRO B 132 7.80 2.13 -5.43
C PRO B 132 8.58 1.44 -6.55
N ALA B 133 9.86 1.23 -6.28
CA ALA B 133 10.71 0.53 -7.23
C ALA B 133 11.29 -0.69 -6.51
N PHE B 134 11.49 -1.77 -7.26
CA PHE B 134 12.06 -2.98 -6.69
C PHE B 134 13.38 -3.22 -7.40
N ILE B 135 14.46 -3.27 -6.64
CA ILE B 135 15.79 -3.48 -7.20
C ILE B 135 16.37 -4.73 -6.54
N TYR B 136 16.40 -5.83 -7.27
CA TYR B 136 16.92 -7.07 -6.72
C TYR B 136 18.17 -7.42 -7.50
N GLY B 137 18.72 -8.61 -7.28
CA GLY B 137 19.93 -8.99 -7.98
C GLY B 137 20.68 -7.70 -8.15
N GLU B 138 20.66 -6.91 -7.08
CA GLU B 138 21.31 -5.64 -7.14
C GLU B 138 22.68 -5.62 -6.49
N ASN B 139 23.41 -4.64 -6.97
CA ASN B 139 24.76 -4.15 -6.72
C ASN B 139 24.90 -3.51 -5.34
N LYS B 141 22.72 -1.68 -3.96
CA LYS B 141 22.13 -0.43 -4.37
C LYS B 141 22.87 0.79 -3.86
N ILE B 142 23.83 1.18 -4.68
CA ILE B 142 24.68 2.30 -4.44
C ILE B 142 23.97 3.62 -4.23
N SER B 143 22.63 3.68 -4.31
CA SER B 143 21.95 4.95 -4.08
C SER B 143 22.97 5.66 -3.23
N ASN B 144 23.78 6.52 -3.84
CA ASN B 144 24.81 7.13 -3.04
C ASN B 144 24.40 8.15 -2.07
N LYS B 145 25.27 9.08 -1.72
CA LYS B 145 24.84 9.88 -0.63
C LYS B 145 25.46 11.21 -0.34
N GLY B 146 24.65 12.25 -0.48
CA GLY B 146 25.10 13.59 -0.19
C GLY B 146 23.95 14.32 0.43
N SER B 147 23.43 13.76 1.53
CA SER B 147 22.30 14.34 2.23
C SER B 147 21.87 13.45 3.40
N GLU B 148 21.43 14.08 4.48
CA GLU B 148 20.99 13.39 5.70
C GLU B 148 20.54 11.95 5.54
N ALA B 149 21.42 11.05 5.95
CA ALA B 149 21.14 9.63 5.88
C ALA B 149 20.95 9.09 7.29
N LEU B 150 20.13 8.06 7.40
CA LEU B 150 19.87 7.41 8.67
C LEU B 150 19.46 5.98 8.36
N ILE B 151 20.30 5.04 8.76
CA ILE B 151 20.01 3.63 8.53
C ILE B 151 19.55 3.05 9.87
N VAL B 152 18.46 2.29 9.84
CA VAL B 152 17.92 1.68 11.03
C VAL B 152 17.65 0.20 10.76
N PRO B 153 18.47 -0.69 11.34
CA PRO B 153 18.30 -2.13 11.16
C PRO B 153 17.27 -2.73 12.13
N PHE B 154 16.42 -3.60 11.61
CA PHE B 154 15.42 -4.27 12.43
C PHE B 154 15.74 -5.75 12.35
N SER B 155 15.90 -6.39 13.49
CA SER B 155 16.22 -7.82 13.52
C SER B 155 15.00 -8.69 13.72
N LEU B 156 14.87 -9.73 12.90
CA LEU B 156 13.77 -10.67 13.06
C LEU B 156 14.34 -11.81 13.91
N PRO B 157 13.50 -12.51 14.69
CA PRO B 157 13.86 -13.62 15.59
C PRO B 157 15.11 -14.40 15.21
N ASP B 158 15.25 -14.72 13.94
CA ASP B 158 16.46 -15.40 13.54
C ASP B 158 17.44 -14.29 13.21
N GLY B 159 18.51 -14.59 12.49
CA GLY B 159 19.48 -13.56 12.18
C GLY B 159 19.07 -12.52 11.17
N LYS B 160 17.91 -12.73 10.55
CA LYS B 160 17.39 -11.85 9.51
C LYS B 160 17.21 -10.37 9.84
N ILE B 161 17.92 -9.55 9.08
CA ILE B 161 17.92 -8.11 9.23
C ILE B 161 17.21 -7.40 8.08
N ILE B 162 16.38 -6.43 8.42
CA ILE B 162 15.70 -5.61 7.44
C ILE B 162 16.19 -4.21 7.80
N GLU B 163 16.82 -3.54 6.85
CA GLU B 163 17.30 -2.20 7.11
C GLU B 163 16.38 -1.21 6.41
N VAL B 164 15.94 -0.20 7.16
CA VAL B 164 15.07 0.82 6.64
C VAL B 164 15.90 2.08 6.67
N ASN B 165 16.04 2.72 5.52
CA ASN B 165 16.87 3.91 5.41
C ASN B 165 16.09 5.10 4.90
N ILE B 166 16.39 6.27 5.47
CA ILE B 166 15.74 7.49 5.02
C ILE B 166 16.80 8.53 4.77
N ALA B 167 16.78 9.12 3.59
CA ALA B 167 17.75 10.11 3.25
C ALA B 167 17.03 11.34 2.82
N ILE B 168 17.02 12.34 3.70
CA ILE B 168 16.39 13.55 3.31
C ILE B 168 17.44 14.45 2.75
N ARG B 169 16.97 15.25 1.83
CA ARG B 169 17.78 16.15 1.08
C ARG B 169 17.97 17.58 1.53
N GLU B 170 18.36 17.81 2.80
CA GLU B 170 18.72 19.13 3.35
C GLU B 170 18.72 20.28 2.27
#